data_8G2N
#
_entry.id   8G2N
#
_cell.length_a   38.332
_cell.length_b   47.314
_cell.length_c   87.106
_cell.angle_alpha   90.000
_cell.angle_beta   90.000
_cell.angle_gamma   90.000
#
_symmetry.space_group_name_H-M   'C 2 2 21'
#
loop_
_entity.id
_entity.type
_entity.pdbx_description
1 polymer 'G-rich DNA'
2 non-polymer "4,4'-{pyridine-2,6-diylbis[carbonyl-(1E)-hydrazin-2-yl-1-ylidene-(E)-methanylylidene]}bis(1-methylquinolin-1-ium)"
3 non-polymer 'MAGNESIUM ION'
4 non-polymer 'POTASSIUM ION'
5 non-polymer SPERMINE
6 water water
#
_entity_poly.entity_id   1
_entity_poly.type   'polydeoxyribonucleotide'
_entity_poly.pdbx_seq_one_letter_code
;(DG)(DT)(DT)(DG)(DG)(DG)(DG)(DT)(DT)(DG)(DG)(DG)(DG)(DT)(DT)(DG)(DG)(DG)(DG)(DT)
(DT)(DG)(DG)(DG)(DG)
;
_entity_poly.pdbx_strand_id   A
#
loop_
_chem_comp.id
_chem_comp.type
_chem_comp.name
_chem_comp.formula
DG DNA linking 2'-DEOXYGUANOSINE-5'-MONOPHOSPHATE 'C10 H14 N5 O7 P'
DT DNA linking THYMIDINE-5'-MONOPHOSPHATE 'C10 H15 N2 O8 P'
K non-polymer 'POTASSIUM ION' 'K 1'
MG non-polymer 'MAGNESIUM ION' 'Mg 2'
SPM non-polymer SPERMINE 'C10 H26 N4'
YSQ non-polymer 4,4'-{pyridine-2,6-diylbis[carbonyl-(1E)-hydrazin-2-yl-1-ylidene-(E)-methanylylidene]}bis(1-methylquinolin-1-ium) 'C29 H25 N7 O2 2'
#
# COMPACT_ATOMS: atom_id res chain seq x y z
C13 YSQ B . 5.18 3.47 2.36
C17 YSQ B . 3.46 2.45 0.98
C20 YSQ B . 2.47 0.18 -0.40
C21 YSQ B . 3.68 0.07 0.28
C22 YSQ B . 6.08 -0.05 1.62
C28 YSQ B . -3.64 6.86 -1.41
C02 YSQ B . -1.48 9.60 1.79
C03 YSQ B . -0.20 9.87 2.56
C04 YSQ B . -0.04 11.10 3.21
C05 YSQ B . 1.16 11.34 3.89
C06 YSQ B . 2.15 10.34 3.87
C07 YSQ B . 1.95 9.16 3.17
C08 YSQ B . 3.01 8.08 3.18
C11 YSQ B . 3.21 4.89 1.75
C12 YSQ B . 3.97 3.59 1.69
C14 YSQ B . 5.83 2.24 2.32
C16 YSQ B . 4.16 1.23 0.98
C18 YSQ B . 2.22 2.50 0.26
C19 YSQ B . 1.74 1.38 -0.41
C27 YSQ B . -2.54 7.15 -0.44
C29 YSQ B . -3.62 5.68 -2.23
C30 YSQ B . -4.64 5.52 -3.12
C31 YSQ B . -4.70 4.40 -3.98
C32 YSQ B . -3.70 3.44 -3.88
C33 YSQ B . -2.66 3.60 -2.99
C34 YSQ B . -2.61 4.70 -2.16
C36 YSQ B . -5.66 7.53 -2.45
C37 YSQ B . -4.67 7.79 -1.52
C38 YSQ B . -6.72 6.25 -4.16
N09 YSQ B . 2.73 6.95 2.38
N10 YSQ B . 3.65 5.87 2.44
N15 YSQ B . 5.35 1.19 1.65
N24 YSQ B . 0.79 8.95 2.56
N25 YSQ B . -1.50 8.39 1.04
N26 YSQ B . -2.60 8.20 0.24
N35 YSQ B . -5.63 6.44 -3.20
O01 YSQ B . -2.38 10.40 1.75
O23 YSQ B . 4.03 8.08 3.78
H131 YSQ B . 5.60 4.31 2.90
H201 YSQ B . 2.08 -0.67 -0.93
H211 YSQ B . 4.24 -0.86 0.29
H222 YSQ B . 6.28 -0.33 0.60
H223 YSQ B . 5.48 -0.83 2.10
H221 YSQ B . 7.01 0.07 2.17
H041 YSQ B . -0.83 11.84 3.21
H051 YSQ B . 1.33 12.27 4.41
H061 YSQ B . 3.09 10.49 4.40
H111 YSQ B . 2.28 5.00 1.19
H141 YSQ B . 6.76 2.13 2.86
H181 YSQ B . 1.66 3.42 0.25
H191 YSQ B . 0.81 1.43 -0.95
H271 YSQ B . -1.70 6.48 -0.34
H311 YSQ B . -5.49 4.29 -4.70
H321 YSQ B . -3.75 2.56 -4.50
H331 YSQ B . -1.88 2.85 -2.95
H341 YSQ B . -1.80 4.80 -1.45
H361 YSQ B . -6.48 8.22 -2.56
H371 YSQ B . -4.68 8.69 -0.90
H382 YSQ B . -7.20 5.30 -3.97
H381 YSQ B . -6.31 6.26 -5.17
H383 YSQ B . -7.44 7.05 -4.04
H091 YSQ B . 1.91 6.90 1.80
H251 YSQ B . -0.76 7.72 1.12
MG MG C . 0.15 -10.29 3.83
K K D . -2.04 3.27 3.97
K K E . -3.77 1.82 6.79
K K F . 2.31 7.46 -3.64
N1 SPM G . 3.76 -10.03 2.82
C2 SPM G . 4.99 -10.12 2.00
C3 SPM G . 5.40 -8.74 1.45
C4 SPM G . 4.20 -8.09 0.73
N5 SPM G . 3.35 -9.10 0.05
C6 SPM G . 2.01 -8.51 -0.05
C7 SPM G . 1.00 -9.40 -0.79
C8 SPM G . -0.37 -8.68 -0.70
C9 SPM G . -1.51 -9.46 -1.37
N10 SPM G . -2.72 -8.64 -1.44
C11 SPM G . -3.81 -9.32 -2.10
C12 SPM G . -4.87 -8.31 -2.52
C13 SPM G . -5.89 -8.92 -3.46
N14 SPM G . -7.02 -8.01 -3.61
HN11 SPM G . 3.93 -9.64 3.60
HN12 SPM G . 3.41 -10.85 2.96
H21 SPM G . 5.70 -10.47 2.55
H22 SPM G . 4.83 -10.72 1.26
H31 SPM G . 6.12 -8.85 0.82
H32 SPM G . 5.68 -8.17 2.18
H41 SPM G . 3.66 -7.61 1.40
H42 SPM G . 4.53 -7.45 0.08
H61 SPM G . 1.67 -8.35 0.85
H62 SPM G . 2.07 -7.66 -0.52
H71 SPM G . 0.94 -10.27 -0.37
H72 SPM G . 1.26 -9.49 -1.71
H81 SPM G . -0.59 -8.56 0.23
H82 SPM G . -0.29 -7.83 -1.15
H91 SPM G . -1.70 -10.26 -0.85
H92 SPM G . -1.25 -9.72 -2.27
H111 SPM G . -3.48 -9.79 -2.87
H112 SPM G . -4.21 -9.96 -1.48
H121 SPM G . -4.42 -7.58 -2.98
H122 SPM G . -5.32 -7.98 -1.73
H131 SPM G . -5.49 -9.08 -4.33
H132 SPM G . -6.20 -9.77 -3.09
HN41 SPM G . -7.36 -7.84 -2.81
HN42 SPM G . -6.73 -7.26 -3.98
#